data_3FUB
#
_entry.id   3FUB
#
_cell.length_a   45.200
_cell.length_b   84.100
_cell.length_c   179.200
_cell.angle_alpha   90.00
_cell.angle_beta   96.10
_cell.angle_gamma   90.00
#
_symmetry.space_group_name_H-M   'C 1 2 1'
#
loop_
_entity.id
_entity.type
_entity.pdbx_description
1 polymer 'GDNF family receptor alpha-1'
2 polymer 'Glial cell line-derived neurotrophic factor'
3 branched 2-acetamido-2-deoxy-beta-D-glucopyranose-(1-4)-2-acetamido-2-deoxy-beta-D-glucopyranose
4 non-polymer 1,2-ETHANEDIOL
5 non-polymer 2-acetamido-2-deoxy-beta-D-glucopyranose
6 non-polymer 'SULFATE ION'
7 water water
#
loop_
_entity_poly.entity_id
_entity_poly.type
_entity_poly.pdbx_seq_one_letter_code
_entity_poly.pdbx_strand_id
1 'polypeptide(L)'
;VEHISKGNNCLDAAKACNLDDTCKKYRSAYITPCTTSMSNEVCNRRKCHKALRQFFDKVPAKHSYGMLFCSCRDIACTER
RRQTIVPVCSYEERERPNCLSLQDSCKTNYICRSRLADFFTNCQPESRSVSNCLKENYADCLLAYSGLIGTVMTPNYVDS
SSLSVAPWCDCSNSGNDLEDCLKFLNFFKDNTCLKNAIQAFGNGSDVTMWQPAPPVQTTTATTTTAFRVKNKPLGPAGSE
NEIPTHVLPPCANLQAQKLKSNVSGSTHLCLSDSDFGKDGL
;
A,C
2 'polypeptide(L)'
;SPDKQMAVLPRRERNRQAAAANPENSRGKGRRGQRGKNRGCVLTAIHLNVTDLGLGYETKEELIFRYCSGSCDAAETTYD
KILKNLSRNRRLVSDKVGQACCRPIAFDDDLSFLDDNLVYHILRKHSAKRCGCI
;
B,D
#
loop_
_chem_comp.id
_chem_comp.type
_chem_comp.name
_chem_comp.formula
EDO non-polymer 1,2-ETHANEDIOL 'C2 H6 O2'
NAG D-saccharide, beta linking 2-acetamido-2-deoxy-beta-D-glucopyranose 'C8 H15 N O6'
SO4 non-polymer 'SULFATE ION' 'O4 S -2'
#
# COMPACT_ATOMS: atom_id res chain seq x y z
N LYS A 6 -4.43 -30.73 2.81
CA LYS A 6 -4.46 -31.72 1.68
C LYS A 6 -4.02 -31.10 0.35
N GLY A 7 -4.07 -29.78 0.27
CA GLY A 7 -3.75 -29.04 -0.96
C GLY A 7 -4.56 -27.76 -1.08
N ASN A 8 -5.30 -27.65 -2.18
CA ASN A 8 -6.17 -26.50 -2.46
C ASN A 8 -7.21 -26.80 -3.54
N ASN A 9 -8.34 -26.08 -3.52
CA ASN A 9 -9.28 -26.07 -4.64
C ASN A 9 -8.78 -25.17 -5.77
N CYS A 10 -8.11 -24.08 -5.40
CA CYS A 10 -7.52 -23.17 -6.37
C CYS A 10 -6.31 -23.82 -7.07
N LEU A 11 -5.56 -24.62 -6.33
CA LEU A 11 -4.51 -25.44 -6.91
C LEU A 11 -5.09 -26.60 -7.75
N ASP A 12 -6.16 -27.22 -7.26
CA ASP A 12 -6.92 -28.22 -8.04
C ASP A 12 -7.31 -27.66 -9.40
N ALA A 13 -7.73 -26.39 -9.42
CA ALA A 13 -8.14 -25.69 -10.63
C ALA A 13 -6.97 -25.50 -11.59
N ALA A 14 -5.82 -25.10 -11.05
CA ALA A 14 -4.62 -24.87 -11.87
C ALA A 14 -4.14 -26.14 -12.59
N LYS A 15 -4.27 -27.29 -11.93
CA LYS A 15 -3.91 -28.58 -12.54
C LYS A 15 -4.83 -28.93 -13.71
N ALA A 16 -6.14 -28.75 -13.50
CA ALA A 16 -7.17 -28.96 -14.52
C ALA A 16 -6.94 -28.07 -15.75
N CYS A 17 -6.46 -26.85 -15.53
CA CYS A 17 -6.19 -25.88 -16.58
C CYS A 17 -4.92 -26.21 -17.37
N ASN A 18 -3.87 -26.64 -16.67
CA ASN A 18 -2.61 -27.01 -17.30
C ASN A 18 -2.69 -28.33 -18.08
N LEU A 19 -3.62 -29.19 -17.68
CA LEU A 19 -3.85 -30.49 -18.32
C LEU A 19 -4.89 -30.39 -19.44
N ASP A 20 -5.39 -29.19 -19.68
CA ASP A 20 -6.34 -28.93 -20.77
C ASP A 20 -5.68 -28.01 -21.79
N ASP A 21 -5.57 -28.50 -23.03
CA ASP A 21 -4.86 -27.80 -24.11
C ASP A 21 -5.35 -26.36 -24.32
N THR A 22 -6.66 -26.16 -24.25
CA THR A 22 -7.25 -24.82 -24.41
C THR A 22 -6.84 -23.89 -23.26
N CYS A 23 -7.26 -24.23 -22.04
CA CYS A 23 -7.00 -23.42 -20.84
C CYS A 23 -5.52 -23.07 -20.68
N LYS A 24 -4.67 -24.09 -20.83
CA LYS A 24 -3.22 -23.94 -20.70
C LYS A 24 -2.67 -22.88 -21.65
N LYS A 25 -3.10 -22.95 -22.92
CA LYS A 25 -2.64 -22.03 -23.95
C LYS A 25 -2.93 -20.58 -23.58
N TYR A 26 -4.17 -20.29 -23.22
CA TYR A 26 -4.60 -18.90 -22.93
C TYR A 26 -4.19 -18.41 -21.56
N ARG A 27 -3.96 -19.32 -20.62
CA ARG A 27 -3.40 -18.96 -19.31
C ARG A 27 -2.02 -18.35 -19.53
N SER A 28 -1.14 -19.11 -20.17
CA SER A 28 0.19 -18.64 -20.56
C SER A 28 0.18 -17.38 -21.42
N ALA A 29 -0.87 -17.21 -22.22
CA ALA A 29 -1.01 -16.03 -23.06
C ALA A 29 -1.33 -14.75 -22.27
N TYR A 30 -1.78 -14.90 -21.03
CA TYR A 30 -2.00 -13.71 -20.19
C TYR A 30 -0.92 -13.48 -19.15
N ILE A 31 -0.40 -14.57 -18.61
CA ILE A 31 0.73 -14.53 -17.70
C ILE A 31 1.90 -13.81 -18.36
N THR A 32 2.18 -14.15 -19.63
CA THR A 32 3.26 -13.52 -20.40
C THR A 32 3.26 -11.98 -20.32
N PRO A 33 2.20 -11.32 -20.83
CA PRO A 33 2.21 -9.85 -20.77
C PRO A 33 1.89 -9.26 -19.40
N CYS A 34 1.30 -10.02 -18.49
CA CYS A 34 0.95 -9.48 -17.16
C CYS A 34 2.06 -9.61 -16.11
N THR A 35 2.88 -10.65 -16.23
CA THR A 35 3.86 -10.95 -15.18
C THR A 35 5.19 -10.24 -15.32
N THR A 36 5.66 -9.76 -14.17
CA THR A 36 6.97 -9.13 -14.02
C THR A 36 7.80 -10.04 -13.12
N SER A 37 8.23 -9.50 -11.97
CA SER A 37 8.87 -10.28 -10.89
C SER A 37 10.18 -11.01 -11.26
N MET A 38 10.61 -10.85 -12.52
CA MET A 38 11.93 -11.25 -12.97
C MET A 38 12.86 -10.07 -12.70
N SER A 39 12.31 -8.88 -13.00
CA SER A 39 12.74 -7.62 -12.43
C SER A 39 11.42 -7.08 -11.90
N ASN A 40 11.41 -5.96 -11.20
CA ASN A 40 10.11 -5.41 -10.78
C ASN A 40 9.35 -4.75 -11.93
N GLU A 41 10.05 -3.90 -12.71
CA GLU A 41 9.58 -3.33 -14.01
C GLU A 41 8.10 -2.92 -14.11
N VAL A 42 7.67 -2.43 -15.28
CA VAL A 42 6.25 -2.15 -15.50
C VAL A 42 5.69 -2.88 -16.73
N CYS A 43 4.61 -3.63 -16.49
CA CYS A 43 3.93 -4.39 -17.54
C CYS A 43 3.25 -3.47 -18.56
N ASN A 44 2.89 -4.03 -19.71
CA ASN A 44 2.06 -3.32 -20.68
C ASN A 44 0.60 -3.56 -20.33
N ARG A 45 0.02 -2.64 -19.55
CA ARG A 45 -1.32 -2.80 -18.99
C ARG A 45 -2.36 -3.21 -20.04
N ARG A 46 -2.25 -2.60 -21.22
CA ARG A 46 -3.19 -2.79 -22.33
C ARG A 46 -3.07 -4.18 -22.96
N LYS A 47 -1.84 -4.65 -23.15
CA LYS A 47 -1.62 -6.02 -23.61
C LYS A 47 -2.10 -7.03 -22.56
N CYS A 48 -1.83 -6.73 -21.28
CA CYS A 48 -2.26 -7.55 -20.17
C CYS A 48 -3.78 -7.64 -20.11
N HIS A 49 -4.45 -6.49 -20.07
CA HIS A 49 -5.91 -6.42 -20.12
C HIS A 49 -6.45 -7.16 -21.34
N LYS A 50 -5.84 -6.94 -22.50
CA LYS A 50 -6.23 -7.61 -23.74
C LYS A 50 -6.12 -9.11 -23.60
N ALA A 51 -5.00 -9.58 -23.04
CA ALA A 51 -4.81 -11.02 -22.83
C ALA A 51 -5.82 -11.60 -21.83
N LEU A 52 -6.16 -10.82 -20.80
CA LEU A 52 -7.13 -11.23 -19.76
C LEU A 52 -8.54 -11.44 -20.30
N ARG A 53 -9.03 -10.49 -21.10
CA ARG A 53 -10.34 -10.59 -21.74
C ARG A 53 -10.41 -11.85 -22.62
N GLN A 54 -9.35 -12.07 -23.39
CA GLN A 54 -9.21 -13.25 -24.24
C GLN A 54 -9.28 -14.55 -23.43
N PHE A 55 -8.73 -14.55 -22.22
CA PHE A 55 -8.73 -15.74 -21.39
C PHE A 55 -10.15 -16.20 -21.04
N PHE A 56 -10.98 -15.27 -20.56
CA PHE A 56 -12.33 -15.60 -20.13
C PHE A 56 -13.33 -15.74 -21.28
N ASP A 57 -13.00 -15.22 -22.45
CA ASP A 57 -13.86 -15.36 -23.63
C ASP A 57 -13.57 -16.61 -24.46
N LYS A 58 -12.35 -17.12 -24.39
CA LYS A 58 -11.96 -18.28 -25.20
C LYS A 58 -11.94 -19.61 -24.45
N VAL A 59 -11.81 -19.54 -23.12
CA VAL A 59 -11.80 -20.75 -22.27
C VAL A 59 -13.18 -20.95 -21.61
N PRO A 60 -13.75 -22.16 -21.73
CA PRO A 60 -15.05 -22.49 -21.12
C PRO A 60 -15.09 -22.22 -19.61
N ALA A 61 -16.28 -21.85 -19.13
CA ALA A 61 -16.50 -21.47 -17.73
C ALA A 61 -15.98 -22.50 -16.74
N LYS A 62 -16.19 -23.78 -17.08
CA LYS A 62 -15.73 -24.90 -16.27
C LYS A 62 -14.29 -24.73 -15.81
N HIS A 63 -13.39 -24.43 -16.75
CA HIS A 63 -11.97 -24.26 -16.43
C HIS A 63 -11.63 -22.83 -16.01
N SER A 64 -12.26 -21.84 -16.65
CA SER A 64 -11.94 -20.44 -16.42
C SER A 64 -12.47 -19.89 -15.10
N TYR A 65 -13.50 -20.53 -14.55
CA TYR A 65 -14.07 -20.11 -13.27
C TYR A 65 -13.37 -20.76 -12.09
N GLY A 66 -12.99 -22.02 -12.25
CA GLY A 66 -12.22 -22.75 -11.23
C GLY A 66 -11.09 -21.90 -10.71
N MET A 67 -10.33 -21.33 -11.65
CA MET A 67 -9.24 -20.40 -11.36
C MET A 67 -9.66 -19.19 -10.50
N LEU A 68 -10.82 -18.61 -10.80
CA LEU A 68 -11.23 -17.35 -10.22
C LEU A 68 -12.18 -17.47 -9.01
N PHE A 69 -13.10 -18.42 -9.06
CA PHE A 69 -14.13 -18.53 -8.02
C PHE A 69 -13.95 -19.67 -7.02
N CYS A 70 -12.78 -20.30 -7.02
CA CYS A 70 -12.48 -21.42 -6.12
C CYS A 70 -12.75 -21.08 -4.66
N SER A 71 -13.15 -22.09 -3.88
CA SER A 71 -13.29 -21.91 -2.44
C SER A 71 -11.95 -22.12 -1.74
N CYS A 72 -11.77 -21.41 -0.62
CA CYS A 72 -10.51 -21.45 0.13
C CYS A 72 -10.71 -21.77 1.60
N ARG A 73 -9.74 -22.48 2.17
CA ARG A 73 -9.80 -22.89 3.57
C ARG A 73 -8.82 -22.09 4.44
N ASP A 74 -7.70 -21.65 3.85
CA ASP A 74 -6.72 -20.83 4.57
C ASP A 74 -6.30 -19.58 3.78
N ILE A 75 -5.50 -18.73 4.43
CA ILE A 75 -5.05 -17.45 3.86
C ILE A 75 -4.11 -17.63 2.66
N ALA A 76 -3.34 -18.72 2.64
CA ALA A 76 -2.47 -19.03 1.49
C ALA A 76 -3.30 -19.26 0.23
N CYS A 77 -4.38 -20.03 0.38
CA CYS A 77 -5.32 -20.27 -0.73
C CYS A 77 -5.91 -18.97 -1.29
N THR A 78 -6.33 -18.05 -0.41
CA THR A 78 -6.86 -16.74 -0.81
C THR A 78 -5.83 -15.93 -1.58
N GLU A 79 -4.56 -16.02 -1.18
CA GLU A 79 -3.48 -15.31 -1.89
C GLU A 79 -3.29 -15.83 -3.31
N ARG A 80 -3.35 -17.14 -3.50
CA ARG A 80 -3.32 -17.74 -4.84
C ARG A 80 -4.48 -17.21 -5.67
N ARG A 81 -5.69 -17.31 -5.12
CA ARG A 81 -6.90 -16.86 -5.79
C ARG A 81 -6.79 -15.39 -6.19
N ARG A 82 -6.21 -14.57 -5.31
CA ARG A 82 -6.03 -13.13 -5.57
C ARG A 82 -5.00 -12.79 -6.65
N GLN A 83 -3.99 -13.66 -6.82
CA GLN A 83 -2.99 -13.48 -7.87
C GLN A 83 -3.47 -13.96 -9.24
N THR A 84 -4.67 -14.53 -9.32
CA THR A 84 -5.20 -15.08 -10.58
C THR A 84 -5.05 -14.12 -11.76
N ILE A 85 -5.48 -12.87 -11.52
CA ILE A 85 -5.53 -11.83 -12.54
C ILE A 85 -4.25 -11.01 -12.66
N VAL A 86 -3.23 -11.37 -11.88
CA VAL A 86 -1.94 -10.65 -11.81
C VAL A 86 -2.14 -9.17 -11.40
N PRO A 87 -2.68 -8.95 -10.18
CA PRO A 87 -3.11 -7.62 -9.71
C PRO A 87 -2.04 -6.51 -9.72
N VAL A 88 -0.79 -6.88 -9.48
CA VAL A 88 0.31 -5.93 -9.57
C VAL A 88 0.32 -5.20 -10.93
N CYS A 89 -0.17 -5.88 -11.96
CA CYS A 89 -0.22 -5.34 -13.31
C CYS A 89 -1.61 -4.90 -13.72
N SER A 90 -2.57 -5.80 -13.59
CA SER A 90 -3.92 -5.58 -14.12
C SER A 90 -4.80 -4.69 -13.22
N TYR A 91 -4.36 -4.49 -11.99
CA TYR A 91 -5.21 -3.92 -10.96
C TYR A 91 -4.65 -2.63 -10.36
N GLU A 92 -3.69 -2.76 -9.46
CA GLU A 92 -3.20 -1.60 -8.71
C GLU A 92 -2.44 -0.55 -9.52
N GLU A 93 -2.52 0.70 -9.03
CA GLU A 93 -1.83 1.84 -9.59
C GLU A 93 -1.33 2.71 -8.44
N ARG A 94 -0.49 3.69 -8.74
CA ARG A 94 -0.01 4.67 -7.76
C ARG A 94 -1.10 5.05 -6.75
N GLU A 95 -2.11 5.76 -7.22
CA GLU A 95 -3.24 6.15 -6.36
C GLU A 95 -4.55 5.52 -6.82
N ARG A 96 -5.58 5.63 -5.98
CA ARG A 96 -6.93 5.25 -6.35
C ARG A 96 -7.70 6.52 -6.69
N PRO A 97 -8.35 6.56 -7.88
CA PRO A 97 -9.22 7.68 -8.19
C PRO A 97 -10.55 7.56 -7.44
N ASN A 98 -11.36 8.61 -7.48
CA ASN A 98 -12.75 8.53 -7.01
C ASN A 98 -13.52 7.54 -7.91
N CYS A 99 -14.46 6.80 -7.33
CA CYS A 99 -15.14 5.71 -8.03
C CYS A 99 -16.04 6.20 -9.15
N LEU A 100 -16.78 7.28 -8.87
CA LEU A 100 -17.66 7.90 -9.85
C LEU A 100 -16.90 8.46 -11.06
N SER A 101 -15.74 9.06 -10.80
CA SER A 101 -14.78 9.42 -11.86
C SER A 101 -14.49 8.22 -12.78
N LEU A 102 -14.05 7.11 -12.17
CA LEU A 102 -13.75 5.89 -12.91
C LEU A 102 -14.97 5.32 -13.64
N GLN A 103 -16.14 5.37 -12.99
CA GLN A 103 -17.39 4.94 -13.62
C GLN A 103 -17.63 5.69 -14.92
N ASP A 104 -17.42 7.00 -14.86
CA ASP A 104 -17.49 7.84 -16.06
C ASP A 104 -16.51 7.40 -17.15
N SER A 105 -15.26 7.13 -16.75
CA SER A 105 -14.20 6.68 -17.68
C SER A 105 -14.52 5.35 -18.33
N CYS A 106 -15.22 4.49 -17.61
CA CYS A 106 -15.64 3.19 -18.12
C CYS A 106 -16.75 3.35 -19.15
N LYS A 107 -17.64 4.31 -18.92
CA LYS A 107 -18.78 4.56 -19.81
C LYS A 107 -18.39 5.19 -21.15
N THR A 108 -17.14 5.64 -21.27
CA THR A 108 -16.61 6.18 -22.53
C THR A 108 -15.92 5.11 -23.39
N ASN A 109 -15.74 3.92 -22.82
CA ASN A 109 -15.16 2.80 -23.53
C ASN A 109 -16.27 1.79 -23.77
N TYR A 110 -16.60 1.53 -25.04
CA TYR A 110 -17.69 0.61 -25.36
C TYR A 110 -17.58 -0.67 -24.56
N ILE A 111 -16.40 -1.28 -24.59
CA ILE A 111 -16.17 -2.60 -24.02
C ILE A 111 -16.52 -2.58 -22.55
N CYS A 112 -16.02 -1.59 -21.83
CA CYS A 112 -16.24 -1.46 -20.39
C CYS A 112 -17.70 -1.08 -20.09
N ARG A 113 -18.25 -0.17 -20.88
CA ARG A 113 -19.65 0.26 -20.71
C ARG A 113 -20.59 -0.93 -20.83
N SER A 114 -20.32 -1.78 -21.81
CA SER A 114 -21.12 -2.98 -22.07
C SER A 114 -21.04 -3.97 -20.93
N ARG A 115 -19.86 -4.04 -20.32
CA ARG A 115 -19.59 -5.00 -19.26
C ARG A 115 -20.15 -4.53 -17.92
N LEU A 116 -20.09 -3.22 -17.67
CA LEU A 116 -20.55 -2.68 -16.40
C LEU A 116 -22.07 -2.76 -16.30
N ALA A 117 -22.74 -2.36 -17.38
CA ALA A 117 -24.18 -2.55 -17.53
C ALA A 117 -24.58 -3.97 -17.17
N ASP A 118 -23.90 -4.95 -17.79
CA ASP A 118 -24.18 -6.38 -17.58
C ASP A 118 -24.04 -6.81 -16.13
N PHE A 119 -22.97 -6.39 -15.47
CA PHE A 119 -22.76 -6.62 -14.05
C PHE A 119 -23.97 -6.12 -13.24
N PHE A 120 -24.32 -4.85 -13.43
CA PHE A 120 -25.41 -4.19 -12.72
C PHE A 120 -26.79 -4.78 -13.02
N THR A 121 -26.91 -5.41 -14.19
CA THR A 121 -28.15 -6.04 -14.60
C THR A 121 -28.31 -7.38 -13.91
N ASN A 122 -27.26 -8.21 -13.96
CA ASN A 122 -27.34 -9.60 -13.53
C ASN A 122 -26.96 -9.86 -12.07
N CYS A 123 -26.19 -8.96 -11.46
CA CYS A 123 -25.74 -9.16 -10.08
C CYS A 123 -26.49 -8.28 -9.06
N GLN A 124 -27.82 -8.26 -9.17
CA GLN A 124 -28.68 -7.49 -8.26
C GLN A 124 -29.76 -8.38 -7.57
N PRO A 125 -30.34 -7.89 -6.44
CA PRO A 125 -31.33 -8.66 -5.66
C PRO A 125 -32.51 -9.17 -6.49
N GLU A 126 -33.10 -10.29 -6.07
CA GLU A 126 -34.23 -10.90 -6.77
C GLU A 126 -35.46 -10.00 -6.74
N SER A 127 -35.78 -9.51 -5.55
CA SER A 127 -36.92 -8.62 -5.35
C SER A 127 -36.57 -7.44 -4.44
N ARG A 128 -37.60 -6.78 -3.93
CA ARG A 128 -37.47 -5.47 -3.29
C ARG A 128 -37.07 -5.57 -1.80
N SER A 129 -37.04 -6.79 -1.28
CA SER A 129 -36.66 -7.07 0.10
C SER A 129 -35.69 -8.25 0.19
N VAL A 130 -35.93 -9.28 -0.63
CA VAL A 130 -35.13 -10.51 -0.63
C VAL A 130 -33.72 -10.24 -1.16
N SER A 131 -32.77 -10.19 -0.23
CA SER A 131 -31.38 -9.79 -0.49
C SER A 131 -30.72 -10.54 -1.64
N ASN A 132 -30.81 -11.86 -1.61
CA ASN A 132 -30.17 -12.70 -2.61
C ASN A 132 -30.96 -12.78 -3.91
N CYS A 133 -30.22 -12.89 -5.02
CA CYS A 133 -30.81 -13.13 -6.34
C CYS A 133 -31.20 -14.61 -6.46
N LEU A 134 -31.97 -14.95 -7.50
CA LEU A 134 -32.32 -16.35 -7.78
C LEU A 134 -31.08 -17.19 -8.08
N LYS A 135 -31.20 -18.50 -7.91
CA LYS A 135 -30.06 -19.42 -8.11
C LYS A 135 -29.74 -19.70 -9.58
N GLU A 136 -30.77 -19.78 -10.43
CA GLU A 136 -30.58 -20.00 -11.87
C GLU A 136 -30.07 -18.75 -12.58
N ASN A 137 -29.93 -17.67 -11.81
CA ASN A 137 -29.32 -16.43 -12.28
C ASN A 137 -27.86 -16.31 -11.83
N TYR A 138 -27.40 -17.31 -11.08
CA TYR A 138 -26.02 -17.34 -10.57
C TYR A 138 -24.99 -17.32 -11.69
N ALA A 139 -25.21 -18.12 -12.73
CA ALA A 139 -24.26 -18.26 -13.84
C ALA A 139 -24.07 -16.95 -14.59
N ASP A 140 -25.16 -16.26 -14.88
CA ASP A 140 -25.12 -15.03 -15.64
C ASP A 140 -24.50 -13.87 -14.84
N CYS A 141 -24.63 -13.90 -13.51
CA CYS A 141 -23.91 -12.94 -12.66
C CYS A 141 -22.40 -13.21 -12.68
N LEU A 142 -22.02 -14.49 -12.59
CA LEU A 142 -20.60 -14.86 -12.66
C LEU A 142 -19.98 -14.51 -14.01
N LEU A 143 -20.78 -14.65 -15.07
CA LEU A 143 -20.37 -14.25 -16.42
C LEU A 143 -20.10 -12.75 -16.54
N ALA A 144 -20.87 -11.96 -15.78
CA ALA A 144 -20.76 -10.50 -15.83
C ALA A 144 -19.58 -9.98 -15.03
N TYR A 145 -19.31 -10.60 -13.88
CA TYR A 145 -18.19 -10.19 -13.04
C TYR A 145 -16.87 -10.56 -13.69
N SER A 146 -16.77 -11.81 -14.14
CA SER A 146 -15.60 -12.27 -14.88
C SER A 146 -15.36 -11.39 -16.12
N GLY A 147 -16.45 -10.94 -16.74
CA GLY A 147 -16.38 -10.11 -17.94
C GLY A 147 -15.77 -8.74 -17.74
N LEU A 148 -15.88 -8.23 -16.50
CA LEU A 148 -15.29 -6.93 -16.13
C LEU A 148 -13.77 -6.97 -16.11
N ILE A 149 -13.21 -8.18 -16.01
CA ILE A 149 -11.77 -8.35 -15.89
C ILE A 149 -11.06 -8.11 -17.21
N GLY A 150 -10.18 -7.12 -17.20
CA GLY A 150 -9.49 -6.69 -18.43
C GLY A 150 -9.99 -5.34 -18.91
N THR A 151 -11.01 -4.81 -18.24
CA THR A 151 -11.51 -3.44 -18.48
C THR A 151 -10.83 -2.52 -17.47
N VAL A 152 -11.10 -1.22 -17.55
CA VAL A 152 -10.59 -0.25 -16.56
C VAL A 152 -11.26 -0.47 -15.21
N MET A 153 -12.33 -1.27 -15.21
CA MET A 153 -13.06 -1.59 -14.00
C MET A 153 -12.70 -2.98 -13.48
N THR A 154 -11.47 -3.42 -13.75
CA THR A 154 -10.99 -4.72 -13.28
C THR A 154 -11.13 -4.81 -11.76
N PRO A 155 -11.89 -5.81 -11.28
CA PRO A 155 -12.05 -5.97 -9.85
C PRO A 155 -11.18 -7.09 -9.29
N ASN A 156 -11.15 -7.20 -7.97
CA ASN A 156 -10.48 -8.32 -7.31
C ASN A 156 -10.93 -8.45 -5.87
N TYR A 157 -10.64 -9.61 -5.28
CA TYR A 157 -10.92 -9.85 -3.86
C TYR A 157 -10.07 -8.94 -2.99
N VAL A 158 -10.70 -8.37 -1.96
CA VAL A 158 -10.05 -7.34 -1.14
C VAL A 158 -9.61 -7.77 0.25
N ASP A 159 -9.97 -8.99 0.67
CA ASP A 159 -9.46 -9.52 1.94
C ASP A 159 -9.39 -11.06 2.03
N SER A 160 -9.23 -11.55 3.26
CA SER A 160 -8.99 -12.97 3.54
C SER A 160 -10.20 -13.68 4.14
N SER A 161 -11.08 -12.90 4.78
CA SER A 161 -12.19 -13.46 5.54
C SER A 161 -13.56 -13.32 4.87
N SER A 162 -13.58 -12.92 3.60
CA SER A 162 -14.82 -12.77 2.83
C SER A 162 -14.60 -12.85 1.31
N LEU A 163 -15.71 -12.96 0.56
CA LEU A 163 -15.67 -12.91 -0.89
C LEU A 163 -15.99 -11.51 -1.44
N SER A 164 -15.75 -10.50 -0.62
CA SER A 164 -15.90 -9.11 -1.00
C SER A 164 -14.89 -8.72 -2.07
N VAL A 165 -15.38 -8.02 -3.11
CA VAL A 165 -14.54 -7.58 -4.22
C VAL A 165 -14.69 -6.09 -4.46
N ALA A 166 -13.70 -5.50 -5.13
CA ALA A 166 -13.77 -4.09 -5.47
C ALA A 166 -12.86 -3.75 -6.65
N PRO A 167 -13.21 -2.69 -7.39
CA PRO A 167 -12.26 -2.14 -8.36
C PRO A 167 -11.29 -1.21 -7.66
N TRP A 168 -10.32 -0.69 -8.41
CA TRP A 168 -9.28 0.18 -7.86
C TRP A 168 -9.75 1.63 -7.84
N CYS A 169 -10.58 1.95 -6.87
CA CYS A 169 -11.11 3.29 -6.66
C CYS A 169 -11.57 3.43 -5.21
N ASP A 170 -11.55 4.66 -4.69
CA ASP A 170 -12.11 4.96 -3.38
C ASP A 170 -13.11 6.12 -3.47
N CYS A 171 -13.69 6.54 -2.35
CA CYS A 171 -14.68 7.60 -2.39
C CYS A 171 -14.22 8.92 -1.76
N SER A 172 -12.90 9.10 -1.68
CA SER A 172 -12.31 10.37 -1.33
C SER A 172 -12.65 11.42 -2.39
N ASN A 173 -13.00 12.62 -1.93
CA ASN A 173 -13.42 13.72 -2.80
C ASN A 173 -14.74 13.47 -3.51
N SER A 174 -15.75 13.10 -2.73
CA SER A 174 -17.09 12.86 -3.25
C SER A 174 -18.01 14.07 -3.09
N GLY A 175 -17.81 14.83 -2.01
CA GLY A 175 -18.62 16.00 -1.72
C GLY A 175 -20.05 15.59 -1.42
N ASN A 176 -21.00 16.28 -2.06
CA ASN A 176 -22.43 15.97 -1.93
C ASN A 176 -22.80 14.62 -2.56
N ASP A 177 -21.87 14.08 -3.36
CA ASP A 177 -22.11 12.82 -4.08
C ASP A 177 -21.60 11.59 -3.32
N LEU A 178 -21.19 11.80 -2.06
CA LEU A 178 -20.62 10.75 -1.21
C LEU A 178 -21.43 9.46 -1.12
N GLU A 179 -22.73 9.57 -0.79
CA GLU A 179 -23.59 8.39 -0.67
C GLU A 179 -23.71 7.57 -1.96
N ASP A 180 -23.75 8.25 -3.11
CA ASP A 180 -23.86 7.58 -4.41
C ASP A 180 -22.56 6.88 -4.79
N CYS A 181 -21.44 7.49 -4.42
CA CYS A 181 -20.13 6.87 -4.61
C CYS A 181 -20.05 5.59 -3.78
N LEU A 182 -20.46 5.69 -2.51
CA LEU A 182 -20.46 4.51 -1.63
C LEU A 182 -21.43 3.47 -2.16
N LYS A 183 -22.60 3.90 -2.60
CA LYS A 183 -23.59 3.02 -3.22
C LYS A 183 -23.00 2.27 -4.41
N PHE A 184 -22.14 2.93 -5.19
CA PHE A 184 -21.47 2.31 -6.32
C PHE A 184 -20.40 1.32 -5.87
N LEU A 185 -19.56 1.72 -4.92
CA LEU A 185 -18.47 0.87 -4.44
C LEU A 185 -18.97 -0.35 -3.65
N ASN A 186 -20.03 -0.15 -2.87
CA ASN A 186 -20.65 -1.22 -2.11
C ASN A 186 -21.45 -2.19 -2.98
N PHE A 187 -21.68 -1.84 -4.25
CA PHE A 187 -22.31 -2.76 -5.21
C PHE A 187 -21.30 -3.84 -5.63
N PHE A 188 -20.01 -3.53 -5.48
CA PHE A 188 -18.97 -4.54 -5.59
C PHE A 188 -18.68 -5.20 -4.23
N LYS A 189 -18.44 -4.38 -3.20
CA LYS A 189 -17.91 -4.85 -1.91
C LYS A 189 -18.88 -5.73 -1.14
N ASP A 190 -20.17 -5.42 -1.24
CA ASP A 190 -21.21 -6.05 -0.43
C ASP A 190 -22.36 -6.55 -1.31
N ASN A 191 -22.04 -7.32 -2.35
CA ASN A 191 -23.07 -7.87 -3.24
C ASN A 191 -23.50 -9.25 -2.79
N THR A 192 -24.74 -9.35 -2.32
CA THR A 192 -25.26 -10.61 -1.77
C THR A 192 -25.37 -11.68 -2.84
N CYS A 193 -25.84 -11.30 -4.03
CA CYS A 193 -25.98 -12.23 -5.15
C CYS A 193 -24.62 -12.74 -5.65
N LEU A 194 -23.62 -11.85 -5.68
CA LEU A 194 -22.29 -12.21 -6.17
C LEU A 194 -21.56 -13.14 -5.21
N LYS A 195 -21.63 -12.85 -3.91
CA LYS A 195 -21.07 -13.74 -2.87
C LYS A 195 -21.69 -15.12 -2.96
N ASN A 196 -23.02 -15.17 -3.06
CA ASN A 196 -23.76 -16.42 -3.10
C ASN A 196 -23.50 -17.24 -4.37
N ALA A 197 -23.34 -16.55 -5.50
CA ALA A 197 -22.96 -17.21 -6.75
C ALA A 197 -21.56 -17.82 -6.65
N ILE A 198 -20.63 -17.12 -5.99
CA ILE A 198 -19.27 -17.62 -5.82
C ILE A 198 -19.23 -18.75 -4.78
N GLN A 199 -20.10 -18.67 -3.78
CA GLN A 199 -20.28 -19.72 -2.77
C GLN A 199 -20.89 -21.00 -3.34
N ALA A 200 -21.75 -20.87 -4.34
CA ALA A 200 -22.43 -22.02 -4.94
C ALA A 200 -21.56 -22.75 -5.96
N PHE A 201 -20.66 -22.01 -6.61
CA PHE A 201 -19.76 -22.59 -7.59
C PHE A 201 -18.83 -23.62 -6.95
N GLY A 202 -18.18 -23.24 -5.85
CA GLY A 202 -17.44 -24.17 -5.03
C GLY A 202 -18.40 -24.74 -4.00
N ASN A 203 -19.32 -25.58 -4.48
CA ASN A 203 -20.45 -26.09 -3.69
C ASN A 203 -20.10 -26.43 -2.24
N GLY A 204 -20.78 -25.76 -1.30
CA GLY A 204 -20.54 -25.95 0.12
C GLY A 204 -20.52 -24.64 0.87
N GLY B 40 9.44 -46.14 -35.78
CA GLY B 40 10.08 -46.45 -34.47
C GLY B 40 10.33 -45.20 -33.65
N CYS B 41 10.38 -44.07 -34.34
CA CYS B 41 10.54 -42.75 -33.73
C CYS B 41 9.17 -42.15 -33.43
N VAL B 42 8.77 -42.21 -32.16
CA VAL B 42 7.40 -41.88 -31.75
C VAL B 42 7.32 -40.82 -30.66
N LEU B 43 6.15 -40.17 -30.58
CA LEU B 43 5.84 -39.24 -29.51
C LEU B 43 5.34 -40.04 -28.31
N THR B 44 5.66 -39.57 -27.11
CA THR B 44 5.19 -40.22 -25.88
C THR B 44 4.90 -39.16 -24.81
N ALA B 45 3.80 -39.35 -24.08
CA ALA B 45 3.34 -38.36 -23.10
C ALA B 45 3.30 -38.89 -21.67
N ILE B 46 3.84 -38.11 -20.73
CA ILE B 46 3.75 -38.43 -19.30
C ILE B 46 3.24 -37.24 -18.46
N HIS B 47 2.39 -37.57 -17.48
CA HIS B 47 1.83 -36.59 -16.55
C HIS B 47 2.74 -36.42 -15.32
N LEU B 48 3.34 -35.23 -15.17
CA LEU B 48 4.33 -34.98 -14.12
C LEU B 48 4.05 -33.76 -13.26
N ASN B 49 4.70 -33.71 -12.10
CA ASN B 49 4.81 -32.50 -11.31
C ASN B 49 5.87 -31.57 -11.92
N VAL B 50 5.69 -30.26 -11.79
CA VAL B 50 6.68 -29.31 -12.30
C VAL B 50 8.03 -29.46 -11.59
N THR B 51 7.98 -29.91 -10.34
CA THR B 51 9.19 -30.16 -9.56
C THR B 51 9.96 -31.37 -10.06
N ASP B 52 9.26 -32.31 -10.71
CA ASP B 52 9.87 -33.49 -11.33
C ASP B 52 10.85 -33.11 -12.46
N LEU B 53 10.69 -31.90 -13.00
CA LEU B 53 11.49 -31.40 -14.10
C LEU B 53 12.85 -30.88 -13.63
N GLY B 54 12.93 -30.54 -12.35
CA GLY B 54 14.15 -30.06 -11.72
C GLY B 54 14.73 -28.82 -12.35
N LEU B 55 13.89 -27.82 -12.61
CA LEU B 55 14.34 -26.57 -13.24
C LEU B 55 14.52 -25.40 -12.27
N GLY B 56 14.51 -25.70 -10.97
CA GLY B 56 14.78 -24.69 -9.94
C GLY B 56 13.56 -24.20 -9.21
N TYR B 57 12.41 -24.81 -9.47
CA TYR B 57 11.15 -24.28 -8.96
C TYR B 57 10.64 -25.02 -7.75
N GLU B 58 9.99 -24.29 -6.85
CA GLU B 58 9.35 -24.86 -5.67
C GLU B 58 7.85 -24.59 -5.76
N THR B 59 7.13 -25.53 -6.37
CA THR B 59 5.71 -25.39 -6.64
C THR B 59 4.97 -26.71 -6.48
N LYS B 60 3.65 -26.65 -6.55
CA LYS B 60 2.80 -27.83 -6.51
C LYS B 60 2.07 -27.99 -7.83
N GLU B 61 2.33 -27.08 -8.77
CA GLU B 61 1.66 -27.07 -10.06
C GLU B 61 2.16 -28.21 -10.96
N GLU B 62 1.40 -28.51 -12.00
CA GLU B 62 1.61 -29.74 -12.78
C GLU B 62 1.62 -29.52 -14.29
N LEU B 63 1.98 -30.56 -15.04
CA LEU B 63 2.00 -30.50 -16.50
C LEU B 63 1.88 -31.86 -17.21
N ILE B 64 1.66 -31.81 -18.52
CA ILE B 64 1.88 -32.97 -19.37
C ILE B 64 3.17 -32.73 -20.14
N PHE B 65 4.18 -33.56 -19.90
CA PHE B 65 5.45 -33.45 -20.62
C PHE B 65 5.49 -34.47 -21.76
N ARG B 66 5.86 -34.01 -22.95
CA ARG B 66 5.96 -34.90 -24.10
C ARG B 66 7.36 -34.94 -24.69
N TYR B 67 7.74 -36.12 -25.20
CA TYR B 67 9.09 -36.34 -25.69
C TYR B 67 9.15 -37.29 -26.88
N CYS B 68 10.30 -37.32 -27.54
CA CYS B 68 10.55 -38.17 -28.71
C CYS B 68 11.44 -39.37 -28.36
N SER B 69 11.01 -40.56 -28.74
CA SER B 69 11.76 -41.79 -28.44
C SER B 69 11.89 -42.73 -29.65
N GLY B 70 12.94 -43.56 -29.62
CA GLY B 70 13.16 -44.58 -30.65
C GLY B 70 14.47 -44.44 -31.42
N SER B 71 14.71 -45.38 -32.33
CA SER B 71 15.87 -45.33 -33.22
C SER B 71 15.47 -44.81 -34.62
N CYS B 72 16.47 -44.41 -35.41
CA CYS B 72 16.21 -43.84 -36.74
C CYS B 72 16.42 -44.82 -37.88
N ASP B 73 15.82 -44.51 -39.03
CA ASP B 73 15.83 -45.38 -40.22
C ASP B 73 17.23 -45.69 -40.76
N ALA B 74 18.19 -44.83 -40.47
CA ALA B 74 19.59 -44.95 -40.93
C ALA B 74 19.83 -44.51 -42.39
N ALA B 75 18.76 -44.07 -43.06
CA ALA B 75 18.84 -43.55 -44.43
C ALA B 75 17.74 -42.51 -44.70
N GLU B 76 17.58 -42.17 -45.99
CA GLU B 76 16.57 -41.23 -46.52
C GLU B 76 17.14 -39.86 -46.90
N THR B 77 18.19 -39.42 -46.20
CA THR B 77 18.95 -38.29 -46.69
C THR B 77 20.16 -38.81 -47.46
N THR B 78 20.70 -37.96 -48.33
CA THR B 78 21.91 -38.25 -49.05
C THR B 78 23.09 -38.22 -48.08
N TYR B 79 23.03 -37.28 -47.14
CA TYR B 79 24.06 -37.05 -46.13
C TYR B 79 24.35 -38.28 -45.25
N ASP B 80 23.30 -38.97 -44.80
CA ASP B 80 23.44 -40.14 -43.94
C ASP B 80 23.86 -41.37 -44.73
N LYS B 81 23.36 -41.46 -45.98
CA LYS B 81 23.82 -42.50 -46.88
C LYS B 81 25.34 -42.38 -47.05
N ILE B 82 25.83 -41.15 -47.11
CA ILE B 82 27.27 -40.92 -47.27
C ILE B 82 28.04 -41.20 -45.98
N LEU B 83 27.47 -40.83 -44.83
CA LEU B 83 28.09 -41.09 -43.53
C LEU B 83 28.25 -42.59 -43.30
N LYS B 84 27.16 -43.33 -43.52
CA LYS B 84 27.14 -44.79 -43.38
C LYS B 84 28.11 -45.47 -44.35
N ASN B 85 28.15 -44.99 -45.60
CA ASN B 85 29.07 -45.56 -46.60
C ASN B 85 30.53 -45.26 -46.31
N LEU B 86 30.83 -44.03 -45.89
CA LEU B 86 32.19 -43.64 -45.53
C LEU B 86 32.70 -44.39 -44.29
N SER B 87 31.78 -44.74 -43.40
CA SER B 87 32.12 -45.51 -42.21
C SER B 87 32.54 -46.94 -42.57
N ARG B 88 31.74 -47.58 -43.43
CA ARG B 88 32.00 -48.94 -43.89
C ARG B 88 33.35 -49.08 -44.60
N ASN B 89 33.61 -48.25 -45.60
CA ASN B 89 34.93 -48.25 -46.26
C ASN B 89 36.02 -47.55 -45.43
N ARG B 90 35.66 -47.10 -44.23
CA ARG B 90 36.59 -46.56 -43.24
C ARG B 90 37.46 -45.37 -43.72
N ARG B 91 36.88 -44.58 -44.62
CA ARG B 91 37.51 -43.34 -45.08
C ARG B 91 36.91 -42.14 -44.35
N LEU B 92 36.39 -42.37 -43.14
CA LEU B 92 35.75 -41.30 -42.37
C LEU B 92 36.68 -40.82 -41.27
N LYS B 96 33.48 -41.98 -32.81
CA LYS B 96 32.17 -42.25 -33.41
C LYS B 96 31.26 -41.02 -33.32
N VAL B 97 31.07 -40.37 -34.46
CA VAL B 97 30.11 -39.27 -34.61
C VAL B 97 29.50 -39.27 -36.01
N GLY B 98 28.18 -39.24 -36.10
CA GLY B 98 27.51 -39.27 -37.39
C GLY B 98 26.01 -39.07 -37.46
N GLN B 99 25.27 -40.17 -37.30
CA GLN B 99 23.89 -40.28 -37.81
C GLN B 99 22.80 -39.45 -37.13
N ALA B 100 21.58 -39.57 -37.68
CA ALA B 100 20.42 -38.78 -37.28
C ALA B 100 19.85 -39.21 -35.94
N CYS B 101 18.92 -38.40 -35.41
CA CYS B 101 18.30 -38.66 -34.13
C CYS B 101 16.82 -38.30 -34.14
N CYS B 102 16.02 -39.11 -33.45
CA CYS B 102 14.60 -38.84 -33.25
C CYS B 102 14.47 -37.68 -32.25
N ARG B 103 14.08 -36.52 -32.76
CA ARG B 103 14.12 -35.27 -32.03
C ARG B 103 12.82 -34.47 -32.26
N PRO B 104 12.56 -33.44 -31.43
CA PRO B 104 11.35 -32.63 -31.62
C PRO B 104 11.45 -31.76 -32.86
N ILE B 105 10.39 -31.79 -33.68
CA ILE B 105 10.31 -30.90 -34.84
C ILE B 105 9.28 -29.78 -34.61
N ALA B 106 8.45 -29.97 -33.59
CA ALA B 106 7.52 -28.94 -33.14
C ALA B 106 7.42 -28.97 -31.62
N PHE B 107 7.22 -27.80 -31.01
CA PHE B 107 7.09 -27.69 -29.57
C PHE B 107 5.68 -27.31 -29.15
N ASP B 108 5.30 -27.71 -27.93
CA ASP B 108 3.99 -27.39 -27.34
C ASP B 108 3.86 -25.91 -26.96
N ASP B 109 2.66 -25.52 -26.53
CA ASP B 109 2.39 -24.17 -26.03
C ASP B 109 3.08 -23.93 -24.70
N ASP B 110 3.39 -22.66 -24.42
CA ASP B 110 4.01 -22.26 -23.17
C ASP B 110 3.17 -22.74 -21.99
N LEU B 111 3.85 -23.16 -20.93
CA LEU B 111 3.17 -23.57 -19.71
C LEU B 111 3.49 -22.62 -18.55
N SER B 112 2.43 -22.11 -17.91
CA SER B 112 2.52 -21.15 -16.82
C SER B 112 2.13 -21.78 -15.48
N PHE B 113 2.68 -21.24 -14.39
CA PHE B 113 2.39 -21.75 -13.05
C PHE B 113 2.78 -20.78 -11.95
N LEU B 114 2.06 -20.84 -10.84
CA LEU B 114 2.35 -20.05 -9.65
C LEU B 114 3.12 -20.92 -8.66
N ASP B 115 4.33 -20.47 -8.29
CA ASP B 115 5.12 -21.19 -7.31
C ASP B 115 4.57 -20.99 -5.89
N ASP B 116 5.18 -21.68 -4.91
CA ASP B 116 4.69 -21.63 -3.52
C ASP B 116 4.95 -20.28 -2.86
N ASN B 117 5.78 -19.47 -3.49
CA ASN B 117 6.13 -18.13 -3.01
C ASN B 117 5.37 -17.02 -3.77
N LEU B 118 4.25 -17.40 -4.40
CA LEU B 118 3.32 -16.49 -5.07
C LEU B 118 3.91 -15.71 -6.26
N VAL B 119 4.84 -16.34 -6.96
CA VAL B 119 5.44 -15.76 -8.16
C VAL B 119 5.08 -16.68 -9.33
N TYR B 120 4.73 -16.07 -10.46
CA TYR B 120 4.45 -16.82 -11.68
C TYR B 120 5.73 -17.10 -12.46
N HIS B 121 5.73 -18.19 -13.23
CA HIS B 121 6.83 -18.51 -14.13
C HIS B 121 6.25 -19.08 -15.43
N ILE B 122 7.00 -18.95 -16.53
CA ILE B 122 6.57 -19.50 -17.81
C ILE B 122 7.64 -20.42 -18.39
N LEU B 123 7.23 -21.64 -18.71
CA LEU B 123 8.08 -22.61 -19.39
C LEU B 123 7.88 -22.58 -20.90
N ARG B 124 8.95 -22.27 -21.63
CA ARG B 124 8.93 -22.19 -23.09
C ARG B 124 9.70 -23.34 -23.75
N LYS B 125 9.10 -23.93 -24.78
CA LYS B 125 9.69 -25.05 -25.55
C LYS B 125 10.20 -26.15 -24.63
N HIS B 126 9.41 -26.41 -23.60
CA HIS B 126 9.71 -27.42 -22.59
C HIS B 126 9.26 -28.79 -23.07
N SER B 127 8.26 -28.79 -23.97
CA SER B 127 7.58 -30.02 -24.39
C SER B 127 7.41 -30.08 -25.91
N ALA B 128 7.45 -31.30 -26.46
CA ALA B 128 7.44 -31.52 -27.91
C ALA B 128 6.05 -31.86 -28.46
N LYS B 129 5.79 -31.36 -29.67
CA LYS B 129 4.51 -31.54 -30.36
C LYS B 129 4.59 -32.63 -31.43
N ARG B 130 5.68 -32.61 -32.21
CA ARG B 130 5.95 -33.63 -33.23
C ARG B 130 7.43 -34.04 -33.25
N CYS B 131 7.70 -35.23 -33.78
CA CYS B 131 9.05 -35.77 -33.81
C CYS B 131 9.44 -36.27 -35.20
N GLY B 132 10.69 -36.06 -35.57
CA GLY B 132 11.25 -36.61 -36.80
C GLY B 132 12.70 -36.99 -36.58
N CYS B 133 13.26 -37.74 -37.52
CA CYS B 133 14.69 -38.01 -37.54
C CYS B 133 15.40 -36.92 -38.32
N ILE B 134 16.28 -36.21 -37.64
CA ILE B 134 16.90 -35.01 -38.19
C ILE B 134 18.42 -35.01 -37.97
N LYS C 6 -7.92 23.93 1.66
CA LYS C 6 -8.23 22.72 2.46
C LYS C 6 -8.66 23.05 3.88
N GLY C 7 -9.84 22.55 4.27
CA GLY C 7 -10.21 22.41 5.66
C GLY C 7 -10.33 20.91 5.88
N ASN C 8 -9.90 20.43 7.06
CA ASN C 8 -10.06 19.01 7.43
C ASN C 8 -9.71 18.71 8.89
N ASN C 9 -10.06 17.51 9.35
CA ASN C 9 -9.87 17.14 10.74
C ASN C 9 -8.43 16.86 11.14
N CYS C 10 -7.60 16.44 10.18
CA CYS C 10 -6.16 16.31 10.43
C CYS C 10 -5.50 17.69 10.50
N LEU C 11 -6.12 18.68 9.84
CA LEU C 11 -5.65 20.06 9.90
C LEU C 11 -5.98 20.70 11.25
N ASP C 12 -7.20 20.46 11.73
CA ASP C 12 -7.64 20.90 13.08
C ASP C 12 -6.73 20.37 14.20
N ALA C 13 -6.20 19.15 14.01
CA ALA C 13 -5.26 18.55 14.94
C ALA C 13 -3.92 19.30 14.92
N ALA C 14 -3.36 19.46 13.72
CA ALA C 14 -2.13 20.26 13.51
C ALA C 14 -2.25 21.68 14.06
N LYS C 15 -3.45 22.25 13.99
CA LYS C 15 -3.74 23.57 14.56
C LYS C 15 -3.73 23.51 16.08
N ALA C 16 -4.51 22.57 16.64
CA ALA C 16 -4.60 22.40 18.08
C ALA C 16 -3.24 22.10 18.69
N CYS C 17 -2.42 21.32 17.98
CA CYS C 17 -1.08 20.97 18.48
C CYS C 17 -0.19 22.20 18.64
N ASN C 18 0.01 22.93 17.54
CA ASN C 18 0.81 24.16 17.53
C ASN C 18 0.35 25.24 18.52
N LEU C 19 -0.96 25.32 18.77
CA LEU C 19 -1.53 26.31 19.70
C LEU C 19 -1.42 25.89 21.17
N ASP C 20 -0.70 24.79 21.41
CA ASP C 20 -0.47 24.23 22.74
C ASP C 20 1.03 24.12 23.03
N ASP C 21 1.43 24.52 24.22
CA ASP C 21 2.85 24.61 24.58
C ASP C 21 3.56 23.26 24.60
N THR C 22 2.91 22.24 25.17
CA THR C 22 3.48 20.91 25.26
C THR C 22 3.59 20.25 23.88
N CYS C 23 2.53 20.31 23.09
CA CYS C 23 2.48 19.64 21.79
C CYS C 23 3.38 20.27 20.74
N LYS C 24 3.31 21.60 20.61
CA LYS C 24 4.17 22.36 19.70
C LYS C 24 5.64 22.06 20.01
N LYS C 25 5.98 22.10 21.30
CA LYS C 25 7.31 21.77 21.77
C LYS C 25 7.72 20.36 21.35
N TYR C 26 6.86 19.38 21.60
CA TYR C 26 7.20 17.98 21.29
C TYR C 26 6.99 17.57 19.83
N ARG C 27 6.15 18.31 19.09
CA ARG C 27 5.99 18.05 17.65
C ARG C 27 7.27 18.39 16.91
N SER C 28 7.83 19.57 17.21
CA SER C 28 9.06 20.00 16.53
C SER C 28 10.30 19.26 17.03
N ALA C 29 10.27 18.82 18.29
CA ALA C 29 11.35 18.02 18.88
C ALA C 29 11.55 16.71 18.14
N TYR C 30 10.54 16.30 17.38
CA TYR C 30 10.64 15.08 16.58
C TYR C 30 10.77 15.31 15.09
N ILE C 31 10.13 16.37 14.58
CA ILE C 31 10.30 16.80 13.19
C ILE C 31 11.75 17.19 12.90
N THR C 32 12.40 17.81 13.89
CA THR C 32 13.80 18.21 13.75
C THR C 32 14.75 17.08 13.27
N PRO C 33 14.85 15.97 14.03
CA PRO C 33 15.73 14.89 13.57
C PRO C 33 15.16 14.00 12.44
N CYS C 34 13.82 13.95 12.32
CA CYS C 34 13.15 13.10 11.32
C CYS C 34 13.20 13.61 9.88
N THR C 35 13.50 14.90 9.71
CA THR C 35 13.58 15.50 8.38
C THR C 35 15.02 15.78 7.98
N THR C 36 15.26 15.94 6.68
CA THR C 36 16.57 16.27 6.15
C THR C 36 16.55 17.63 5.45
N SER C 37 17.67 18.34 5.47
CA SER C 37 17.75 19.68 4.90
C SER C 37 17.85 19.69 3.38
N MET C 38 18.52 18.68 2.84
CA MET C 38 18.81 18.62 1.39
C MET C 38 18.44 17.26 0.77
N SER C 39 18.16 17.29 -0.53
CA SER C 39 17.61 16.15 -1.27
C SER C 39 18.23 14.77 -0.96
N ASN C 40 19.50 14.59 -1.30
CA ASN C 40 20.19 13.31 -1.06
C ASN C 40 21.06 13.28 0.20
N GLU C 41 20.57 13.90 1.27
CA GLU C 41 21.07 13.67 2.62
C GLU C 41 20.17 12.58 3.22
N VAL C 42 20.51 12.10 4.42
CA VAL C 42 19.67 11.11 5.09
C VAL C 42 19.57 11.37 6.59
N CYS C 43 18.38 11.14 7.14
CA CYS C 43 18.10 11.39 8.55
C CYS C 43 18.80 10.38 9.44
N ASN C 44 18.98 10.75 10.70
CA ASN C 44 19.38 9.81 11.73
C ASN C 44 18.11 9.09 12.19
N ARG C 45 18.01 7.79 11.90
CA ARG C 45 16.81 7.03 12.22
C ARG C 45 16.56 6.87 13.73
N ARG C 46 17.63 6.60 14.50
CA ARG C 46 17.49 6.40 15.95
C ARG C 46 17.10 7.66 16.71
N LYS C 47 17.63 8.82 16.29
CA LYS C 47 17.20 10.10 16.84
C LYS C 47 15.73 10.39 16.50
N CYS C 48 15.35 10.09 15.26
CA CYS C 48 13.98 10.26 14.81
C CYS C 48 13.01 9.33 15.52
N HIS C 49 13.44 8.09 15.77
CA HIS C 49 12.63 7.10 16.46
C HIS C 49 12.46 7.45 17.94
N LYS C 50 13.55 7.88 18.58
CA LYS C 50 13.53 8.20 20.01
C LYS C 50 12.57 9.35 20.27
N ALA C 51 12.71 10.40 19.47
CA ALA C 51 11.86 11.60 19.55
C ALA C 51 10.39 11.28 19.26
N LEU C 52 10.15 10.30 18.39
CA LEU C 52 8.80 9.83 18.11
C LEU C 52 8.18 9.20 19.35
N ARG C 53 8.92 8.31 20.00
CA ARG C 53 8.49 7.68 21.25
C ARG C 53 8.27 8.75 22.31
N GLN C 54 9.13 9.76 22.35
CA GLN C 54 8.97 10.87 23.30
C GLN C 54 7.63 11.57 23.08
N PHE C 55 7.31 11.82 21.80
CA PHE C 55 6.09 12.52 21.43
C PHE C 55 4.81 11.88 21.97
N PHE C 56 4.68 10.56 21.77
CA PHE C 56 3.48 9.86 22.22
C PHE C 56 3.51 9.53 23.71
N ASP C 57 4.70 9.62 24.30
CA ASP C 57 4.85 9.44 25.75
C ASP C 57 4.50 10.69 26.55
N LYS C 58 4.81 11.86 25.99
CA LYS C 58 4.69 13.12 26.74
C LYS C 58 3.45 13.97 26.40
N VAL C 59 2.90 13.80 25.19
CA VAL C 59 1.72 14.56 24.80
C VAL C 59 0.45 13.73 25.04
N PRO C 60 -0.48 14.28 25.84
CA PRO C 60 -1.75 13.61 26.13
C PRO C 60 -2.42 13.04 24.89
N ALA C 61 -3.13 11.93 25.07
CA ALA C 61 -3.88 11.27 24.00
C ALA C 61 -4.62 12.26 23.11
N LYS C 62 -5.28 13.23 23.74
CA LYS C 62 -6.08 14.26 23.07
C LYS C 62 -5.40 14.83 21.82
N HIS C 63 -4.22 15.44 21.99
CA HIS C 63 -3.50 16.05 20.87
C HIS C 63 -2.68 15.05 20.04
N SER C 64 -2.11 14.05 20.71
CA SER C 64 -1.27 13.05 20.05
C SER C 64 -2.07 12.13 19.13
N TYR C 65 -3.29 11.80 19.53
CA TYR C 65 -4.13 10.89 18.76
C TYR C 65 -4.83 11.59 17.60
N GLY C 66 -5.15 12.87 17.78
CA GLY C 66 -5.77 13.69 16.75
C GLY C 66 -4.93 13.77 15.49
N MET C 67 -3.61 13.77 15.67
CA MET C 67 -2.66 13.80 14.57
C MET C 67 -2.73 12.48 13.79
N LEU C 68 -2.68 11.37 14.52
CA LEU C 68 -2.51 10.04 13.94
C LEU C 68 -3.81 9.37 13.49
N PHE C 69 -4.89 9.59 14.25
CA PHE C 69 -6.13 8.84 14.03
C PHE C 69 -7.29 9.72 13.56
N CYS C 70 -6.99 10.80 12.85
CA CYS C 70 -8.03 11.73 12.37
C CYS C 70 -8.83 11.17 11.19
N SER C 71 -10.15 11.36 11.23
CA SER C 71 -11.00 10.99 10.11
C SER C 71 -10.81 11.96 8.95
N CYS C 72 -10.98 11.44 7.73
CA CYS C 72 -10.73 12.20 6.51
C CYS C 72 -11.85 12.00 5.51
N ARG C 73 -11.96 12.94 4.57
CA ARG C 73 -12.94 12.86 3.49
C ARG C 73 -12.27 12.95 2.12
N ASP C 74 -11.04 13.45 2.10
CA ASP C 74 -10.31 13.63 0.84
C ASP C 74 -8.80 13.33 0.95
N ILE C 75 -8.12 13.28 -0.19
CA ILE C 75 -6.70 12.93 -0.22
C ILE C 75 -5.75 13.94 0.43
N ALA C 76 -6.10 15.23 0.40
CA ALA C 76 -5.31 16.24 1.12
C ALA C 76 -5.24 15.87 2.60
N CYS C 77 -6.36 15.40 3.15
CA CYS C 77 -6.41 14.93 4.53
C CYS C 77 -5.61 13.64 4.75
N THR C 78 -5.76 12.67 3.84
CA THR C 78 -5.10 11.36 4.01
C THR C 78 -3.59 11.44 3.81
N GLU C 79 -3.18 12.24 2.83
CA GLU C 79 -1.76 12.47 2.57
C GLU C 79 -1.10 13.17 3.76
N ARG C 80 -1.83 14.07 4.40
CA ARG C 80 -1.35 14.72 5.63
C ARG C 80 -1.20 13.69 6.76
N ARG C 81 -2.25 12.91 6.99
CA ARG C 81 -2.30 11.90 8.06
C ARG C 81 -1.15 10.90 7.96
N ARG C 82 -0.92 10.38 6.76
CA ARG C 82 0.13 9.39 6.50
C ARG C 82 1.54 9.95 6.74
N GLN C 83 1.66 11.28 6.73
CA GLN C 83 2.94 11.97 6.90
C GLN C 83 3.31 12.24 8.35
N THR C 84 2.32 12.14 9.25
CA THR C 84 2.52 12.40 10.67
C THR C 84 3.86 11.87 11.20
N ILE C 85 4.18 10.61 10.91
CA ILE C 85 5.39 9.96 11.46
C ILE C 85 6.65 10.18 10.60
N VAL C 86 6.55 11.01 9.57
CA VAL C 86 7.66 11.27 8.66
C VAL C 86 8.17 9.92 8.11
N PRO C 87 7.31 9.20 7.37
CA PRO C 87 7.59 7.83 6.93
C PRO C 87 8.93 7.67 6.20
N VAL C 88 9.24 8.62 5.32
CA VAL C 88 10.48 8.58 4.55
C VAL C 88 11.68 8.25 5.43
N CYS C 89 11.71 8.85 6.62
CA CYS C 89 12.79 8.63 7.57
C CYS C 89 12.53 7.49 8.54
N SER C 90 11.30 7.39 9.04
CA SER C 90 11.00 6.51 10.16
C SER C 90 10.40 5.16 9.79
N TYR C 91 9.87 5.05 8.57
CA TYR C 91 9.11 3.87 8.16
C TYR C 91 9.83 3.12 7.05
N GLU C 92 10.08 3.81 5.94
CA GLU C 92 10.64 3.20 4.75
C GLU C 92 12.11 2.84 4.89
N GLU C 93 12.49 1.79 4.15
CA GLU C 93 13.84 1.25 4.10
C GLU C 93 14.01 0.66 2.70
N ARG C 94 15.26 0.57 2.23
CA ARG C 94 15.56 0.10 0.87
C ARG C 94 14.97 -1.27 0.56
N GLU C 95 15.32 -2.25 1.39
CA GLU C 95 14.77 -3.60 1.27
C GLU C 95 13.64 -3.81 2.26
N ARG C 96 12.59 -4.49 1.80
CA ARG C 96 11.50 -4.89 2.66
C ARG C 96 11.74 -6.34 3.11
N PRO C 97 12.02 -6.55 4.43
CA PRO C 97 12.25 -7.90 4.94
C PRO C 97 10.97 -8.72 5.11
N ASN C 98 11.14 -10.00 5.42
CA ASN C 98 10.05 -10.89 5.76
C ASN C 98 9.53 -10.59 7.16
N CYS C 99 8.21 -10.68 7.33
CA CYS C 99 7.53 -10.20 8.55
C CYS C 99 7.87 -10.97 9.80
N LEU C 100 8.02 -12.29 9.66
CA LEU C 100 8.36 -13.19 10.76
C LEU C 100 9.80 -13.04 11.24
N SER C 101 10.69 -12.62 10.34
CA SER C 101 12.08 -12.42 10.69
C SER C 101 12.22 -11.14 11.49
N LEU C 102 11.45 -10.12 11.10
CA LEU C 102 11.44 -8.83 11.76
C LEU C 102 10.78 -8.91 13.13
N GLN C 103 9.75 -9.74 13.23
CA GLN C 103 9.18 -10.11 14.53
C GLN C 103 10.31 -10.62 15.44
N ASP C 104 11.07 -11.59 14.95
CA ASP C 104 12.25 -12.11 15.65
C ASP C 104 13.16 -10.98 16.09
N SER C 105 13.48 -10.09 15.14
CA SER C 105 14.37 -8.95 15.37
C SER C 105 13.78 -7.92 16.34
N CYS C 106 12.45 -7.81 16.35
CA CYS C 106 11.74 -6.95 17.29
C CYS C 106 11.80 -7.52 18.71
N LYS C 107 11.65 -8.84 18.81
CA LYS C 107 11.67 -9.55 20.11
C LYS C 107 13.03 -9.58 20.81
N THR C 108 14.10 -9.30 20.06
CA THR C 108 15.44 -9.18 20.64
C THR C 108 15.58 -7.92 21.50
N ASN C 109 15.05 -6.81 20.98
CA ASN C 109 15.11 -5.50 21.64
C ASN C 109 14.08 -5.47 22.76
N TYR C 110 14.44 -4.88 23.90
CA TYR C 110 13.48 -4.79 25.02
C TYR C 110 12.27 -3.92 24.69
N ILE C 111 12.50 -2.78 24.06
CA ILE C 111 11.42 -1.82 23.78
C ILE C 111 10.37 -2.38 22.83
N CYS C 112 10.81 -2.95 21.72
CA CYS C 112 9.89 -3.45 20.69
C CYS C 112 9.08 -4.66 21.17
N ARG C 113 9.75 -5.58 21.84
CA ARG C 113 9.14 -6.81 22.37
C ARG C 113 8.04 -6.47 23.37
N SER C 114 8.27 -5.42 24.15
CA SER C 114 7.32 -4.91 25.12
C SER C 114 6.12 -4.26 24.43
N ARG C 115 6.39 -3.49 23.37
CA ARG C 115 5.34 -2.75 22.68
C ARG C 115 4.57 -3.64 21.69
N LEU C 116 5.25 -4.65 21.14
CA LEU C 116 4.61 -5.60 20.24
C LEU C 116 3.62 -6.51 20.96
N ALA C 117 3.94 -6.87 22.20
CA ALA C 117 3.12 -7.80 22.97
C ALA C 117 1.83 -7.15 23.45
N ASP C 118 1.93 -5.88 23.87
CA ASP C 118 0.75 -5.09 24.22
C ASP C 118 -0.16 -4.91 23.03
N PHE C 119 0.43 -4.72 21.85
CA PHE C 119 -0.37 -4.62 20.61
C PHE C 119 -1.18 -5.90 20.42
N PHE C 120 -0.49 -7.05 20.43
CA PHE C 120 -1.16 -8.33 20.26
C PHE C 120 -2.18 -8.62 21.35
N THR C 121 -1.93 -8.13 22.56
CA THR C 121 -2.88 -8.29 23.66
C THR C 121 -4.10 -7.36 23.53
N ASN C 122 -3.84 -6.05 23.41
CA ASN C 122 -4.91 -5.05 23.37
C ASN C 122 -5.77 -5.04 22.11
N CYS C 123 -5.18 -5.37 20.96
CA CYS C 123 -5.92 -5.33 19.70
C CYS C 123 -6.41 -6.71 19.20
N GLN C 124 -6.56 -7.67 20.11
CA GLN C 124 -7.07 -9.00 19.75
C GLN C 124 -8.61 -9.05 19.78
N PRO C 125 -9.21 -9.90 18.92
CA PRO C 125 -10.65 -10.23 18.87
C PRO C 125 -11.33 -10.49 20.22
N GLU C 126 -12.66 -10.44 20.21
CA GLU C 126 -13.53 -10.52 21.38
C GLU C 126 -13.29 -11.70 22.35
N SER C 127 -12.66 -12.77 21.86
CA SER C 127 -12.40 -14.00 22.63
C SER C 127 -13.65 -14.86 22.79
N ARG C 128 -14.67 -14.52 21.99
CA ARG C 128 -15.70 -15.44 21.58
C ARG C 128 -15.28 -15.90 20.18
N SER C 129 -16.17 -16.52 19.43
CA SER C 129 -15.82 -17.02 18.10
C SER C 129 -16.06 -15.97 16.99
N VAL C 130 -16.07 -14.69 17.39
CA VAL C 130 -16.19 -13.57 16.44
C VAL C 130 -14.86 -12.85 16.25
N SER C 131 -14.59 -12.37 15.04
CA SER C 131 -13.33 -11.73 14.72
C SER C 131 -13.42 -10.20 14.76
N ASN C 132 -13.93 -9.69 15.89
CA ASN C 132 -14.12 -8.26 16.16
C ASN C 132 -13.95 -8.05 17.67
N CYS C 133 -13.51 -6.86 18.08
CA CYS C 133 -13.37 -6.55 19.51
C CYS C 133 -14.46 -5.58 20.01
N LEU C 134 -14.44 -5.28 21.30
CA LEU C 134 -15.47 -4.45 21.93
C LEU C 134 -15.02 -3.00 22.10
N LYS C 135 -15.98 -2.13 22.39
CA LYS C 135 -15.72 -0.70 22.54
C LYS C 135 -14.85 -0.36 23.75
N GLU C 136 -14.96 -1.16 24.80
CA GLU C 136 -14.17 -0.97 26.02
C GLU C 136 -12.70 -1.35 25.83
N ASN C 137 -12.40 -1.95 24.68
CA ASN C 137 -11.04 -2.35 24.34
C ASN C 137 -10.33 -1.25 23.51
N TYR C 138 -11.11 -0.27 23.06
CA TYR C 138 -10.67 0.70 22.05
C TYR C 138 -9.44 1.53 22.42
N ALA C 139 -9.47 2.13 23.60
CA ALA C 139 -8.41 3.04 24.05
C ALA C 139 -7.07 2.31 24.20
N ASP C 140 -7.12 1.12 24.80
CA ASP C 140 -5.95 0.29 25.03
C ASP C 140 -5.31 -0.17 23.72
N CYS C 141 -6.12 -0.36 22.69
CA CYS C 141 -5.62 -0.76 21.38
C CYS C 141 -4.83 0.38 20.71
N LEU C 142 -5.38 1.58 20.73
CA LEU C 142 -4.75 2.74 20.09
C LEU C 142 -3.44 3.13 20.76
N LEU C 143 -3.42 3.04 22.09
CA LEU C 143 -2.19 3.21 22.90
C LEU C 143 -1.14 2.18 22.51
N ALA C 144 -1.56 0.93 22.37
CA ALA C 144 -0.65 -0.16 22.05
C ALA C 144 -0.11 0.00 20.64
N TYR C 145 -0.99 0.42 19.73
CA TYR C 145 -0.59 0.69 18.35
C TYR C 145 0.37 1.86 18.24
N SER C 146 0.06 2.94 18.96
CA SER C 146 0.85 4.17 18.86
C SER C 146 2.24 3.96 19.45
N GLY C 147 2.31 3.09 20.45
CA GLY C 147 3.57 2.73 21.10
C GLY C 147 4.55 1.97 20.24
N LEU C 148 4.08 1.48 19.10
CA LEU C 148 4.92 0.75 18.14
C LEU C 148 5.79 1.70 17.31
N ILE C 149 5.40 2.97 17.27
CA ILE C 149 6.02 4.00 16.46
C ILE C 149 7.33 4.49 17.06
N GLY C 150 8.43 4.24 16.35
CA GLY C 150 9.75 4.55 16.85
C GLY C 150 10.51 3.28 17.24
N THR C 151 9.90 2.13 16.99
CA THR C 151 10.58 0.85 17.17
C THR C 151 10.94 0.26 15.80
N VAL C 152 11.71 -0.82 15.80
CA VAL C 152 12.02 -1.53 14.56
C VAL C 152 10.73 -1.98 13.84
N MET C 153 9.64 -2.06 14.59
CA MET C 153 8.36 -2.56 14.13
C MET C 153 7.40 -1.42 13.79
N THR C 154 7.95 -0.24 13.44
CA THR C 154 7.13 0.95 13.19
C THR C 154 6.10 0.70 12.10
N PRO C 155 4.81 0.99 12.39
CA PRO C 155 3.73 0.82 11.42
C PRO C 155 3.25 2.14 10.84
N ASN C 156 2.74 2.09 9.61
CA ASN C 156 2.09 3.23 8.99
C ASN C 156 1.01 2.74 8.05
N TYR C 157 0.09 3.65 7.69
CA TYR C 157 -0.91 3.38 6.67
C TYR C 157 -0.21 3.05 5.37
N VAL C 158 -0.64 1.97 4.71
CA VAL C 158 0.07 1.48 3.52
C VAL C 158 -0.20 2.26 2.22
N ASP C 159 -1.33 2.96 2.17
CA ASP C 159 -1.67 3.80 1.03
C ASP C 159 -2.27 5.13 1.49
N SER C 160 -2.78 5.92 0.55
CA SER C 160 -3.41 7.19 0.88
C SER C 160 -4.93 7.12 0.75
N SER C 161 -5.50 5.94 1.05
CA SER C 161 -6.93 5.68 0.80
C SER C 161 -7.68 5.08 1.99
N SER C 162 -7.12 4.02 2.59
CA SER C 162 -7.81 3.27 3.65
C SER C 162 -7.09 3.38 5.01
N LEU C 163 -7.61 2.64 5.98
CA LEU C 163 -7.05 2.61 7.33
C LEU C 163 -6.15 1.40 7.55
N SER C 164 -5.92 0.66 6.48
CA SER C 164 -5.04 -0.50 6.50
C SER C 164 -3.62 -0.07 6.84
N VAL C 165 -3.04 -0.74 7.83
CA VAL C 165 -1.71 -0.41 8.34
C VAL C 165 -0.80 -1.64 8.29
N ALA C 166 0.50 -1.43 8.45
CA ALA C 166 1.50 -2.52 8.38
C ALA C 166 2.89 -2.03 8.74
N PRO C 167 3.74 -2.94 9.28
CA PRO C 167 5.16 -2.64 9.46
C PRO C 167 5.86 -2.61 8.10
N TRP C 168 7.16 -2.34 8.07
CA TRP C 168 7.91 -2.39 6.80
C TRP C 168 8.37 -3.83 6.57
N CYS C 169 7.43 -4.68 6.20
CA CYS C 169 7.69 -6.09 5.93
C CYS C 169 6.66 -6.72 4.96
N ASP C 170 7.02 -7.88 4.41
CA ASP C 170 6.12 -8.67 3.56
C ASP C 170 6.37 -10.16 3.78
N CYS C 171 5.67 -11.01 3.04
CA CYS C 171 5.76 -12.46 3.25
C CYS C 171 6.48 -13.25 2.14
N SER C 172 7.31 -12.55 1.38
CA SER C 172 8.17 -13.18 0.38
C SER C 172 9.20 -14.09 1.06
N ASN C 173 9.38 -15.28 0.48
CA ASN C 173 10.34 -16.26 0.95
C ASN C 173 10.11 -16.65 2.42
N SER C 174 8.84 -16.96 2.72
CA SER C 174 8.44 -17.47 4.03
C SER C 174 8.69 -18.98 4.12
N GLY C 175 9.01 -19.59 2.99
CA GLY C 175 9.23 -21.04 2.90
C GLY C 175 8.02 -21.82 3.36
N ASN C 176 8.22 -22.66 4.37
CA ASN C 176 7.15 -23.52 4.90
C ASN C 176 6.20 -22.82 5.88
N ASP C 177 6.59 -21.63 6.34
CA ASP C 177 5.80 -20.87 7.32
C ASP C 177 4.99 -19.73 6.69
N LEU C 178 4.52 -19.91 5.45
CA LEU C 178 3.82 -18.82 4.75
C LEU C 178 2.49 -18.49 5.40
N GLU C 179 1.79 -19.52 5.88
CA GLU C 179 0.53 -19.34 6.60
C GLU C 179 0.69 -18.40 7.81
N ASP C 180 1.74 -18.64 8.59
CA ASP C 180 2.00 -17.88 9.83
C ASP C 180 2.44 -16.44 9.60
N CYS C 181 3.09 -16.18 8.48
CA CYS C 181 3.56 -14.84 8.13
C CYS C 181 2.40 -13.94 7.76
N LEU C 182 1.52 -14.45 6.91
CA LEU C 182 0.35 -13.72 6.43
C LEU C 182 -0.63 -13.47 7.57
N LYS C 183 -0.63 -14.40 8.52
CA LYS C 183 -1.48 -14.34 9.70
C LYS C 183 -0.99 -13.20 10.59
N PHE C 184 0.32 -13.10 10.74
CA PHE C 184 0.95 -12.01 11.49
C PHE C 184 0.64 -10.68 10.81
N LEU C 185 0.71 -10.66 9.49
CA LEU C 185 0.60 -9.43 8.70
C LEU C 185 -0.83 -8.93 8.64
N ASN C 186 -1.78 -9.85 8.55
CA ASN C 186 -3.17 -9.46 8.55
C ASN C 186 -3.67 -9.00 9.91
N PHE C 187 -2.88 -9.25 10.95
CA PHE C 187 -3.14 -8.68 12.27
C PHE C 187 -2.92 -7.17 12.26
N PHE C 188 -2.02 -6.71 11.38
CA PHE C 188 -1.86 -5.30 11.08
C PHE C 188 -2.82 -4.86 9.96
N LYS C 189 -2.73 -5.55 8.81
CA LYS C 189 -3.42 -5.12 7.58
C LYS C 189 -4.94 -5.27 7.56
N ASP C 190 -5.47 -6.25 8.29
CA ASP C 190 -6.93 -6.46 8.38
C ASP C 190 -7.36 -6.66 9.82
N ASN C 191 -7.12 -5.65 10.66
CA ASN C 191 -7.53 -5.72 12.06
C ASN C 191 -8.81 -4.91 12.31
N THR C 192 -9.89 -5.62 12.59
CA THR C 192 -11.20 -4.97 12.74
C THR C 192 -11.30 -4.15 14.02
N CYS C 193 -10.69 -4.66 15.09
CA CYS C 193 -10.64 -3.95 16.37
C CYS C 193 -9.90 -2.63 16.23
N LEU C 194 -8.74 -2.66 15.59
CA LEU C 194 -7.97 -1.46 15.31
C LEU C 194 -8.78 -0.51 14.44
N LYS C 195 -9.24 -1.02 13.30
CA LYS C 195 -10.08 -0.27 12.36
C LYS C 195 -11.20 0.50 13.07
N ASN C 196 -11.93 -0.20 13.93
CA ASN C 196 -13.06 0.38 14.67
C ASN C 196 -12.63 1.42 15.68
N ALA C 197 -11.51 1.15 16.35
CA ALA C 197 -10.97 2.04 17.38
C ALA C 197 -10.49 3.34 16.76
N ILE C 198 -9.83 3.22 15.60
CA ILE C 198 -9.36 4.40 14.86
C ILE C 198 -10.58 5.20 14.40
N GLN C 199 -11.55 4.52 13.80
CA GLN C 199 -12.78 5.17 13.33
C GLN C 199 -13.58 5.84 14.45
N ALA C 200 -13.61 5.22 15.62
CA ALA C 200 -14.34 5.79 16.77
C ALA C 200 -13.72 7.10 17.27
N PHE C 201 -12.40 7.21 17.22
CA PHE C 201 -11.72 8.41 17.74
C PHE C 201 -12.06 9.71 17.02
N GLY C 202 -12.16 9.64 15.70
CA GLY C 202 -12.40 10.82 14.88
C GLY C 202 -13.75 10.87 14.20
N ASN C 203 -14.66 9.98 14.59
CA ASN C 203 -16.02 9.96 14.03
C ASN C 203 -17.03 10.46 15.07
N GLY C 204 -17.47 9.56 15.95
CA GLY C 204 -18.36 9.92 17.05
C GLY C 204 -17.65 9.84 18.40
N ARG D 32 -11.78 54.25 21.49
CA ARG D 32 -10.31 54.05 21.66
C ARG D 32 -10.01 52.85 22.54
N GLY D 33 -8.78 52.34 22.45
CA GLY D 33 -8.34 51.22 23.28
C GLY D 33 -7.16 51.59 24.15
N GLN D 34 -7.43 52.11 25.34
CA GLN D 34 -6.37 52.47 26.29
C GLN D 34 -6.72 52.09 27.74
N ARG D 35 -5.76 51.44 28.39
CA ARG D 35 -5.87 50.97 29.77
C ARG D 35 -4.52 51.14 30.46
N GLY D 36 -4.54 51.19 31.79
CA GLY D 36 -3.30 51.35 32.56
C GLY D 36 -2.52 50.05 32.73
N LYS D 37 -1.31 50.01 32.17
CA LYS D 37 -0.38 48.88 32.33
C LYS D 37 0.99 49.32 32.86
N ASN D 38 1.13 50.64 33.08
CA ASN D 38 2.41 51.32 33.39
C ASN D 38 3.42 51.32 32.23
N ARG D 39 2.90 51.21 31.00
CA ARG D 39 3.69 51.23 29.75
C ARG D 39 4.88 50.26 29.79
N GLY D 40 5.96 50.61 29.10
CA GLY D 40 7.20 49.84 29.17
C GLY D 40 7.45 48.94 27.97
N CYS D 41 8.33 47.97 28.17
CA CYS D 41 8.75 47.05 27.13
C CYS D 41 8.02 45.72 27.32
N VAL D 42 6.81 45.65 26.79
CA VAL D 42 5.88 44.53 27.05
C VAL D 42 5.95 43.41 26.01
N LEU D 43 5.48 42.24 26.41
CA LEU D 43 5.31 41.09 25.53
C LEU D 43 3.88 41.10 25.00
N THR D 44 3.71 40.83 23.71
CA THR D 44 2.35 40.77 23.14
C THR D 44 2.19 39.57 22.20
N ALA D 45 0.97 39.03 22.16
CA ALA D 45 0.68 37.78 21.45
C ALA D 45 -0.46 37.93 20.45
N ILE D 46 -0.31 37.30 19.29
CA ILE D 46 -1.34 37.31 18.26
C ILE D 46 -1.39 35.97 17.52
N HIS D 47 -2.61 35.49 17.31
CA HIS D 47 -2.87 34.19 16.69
C HIS D 47 -2.92 34.34 15.17
N LEU D 48 -2.05 33.61 14.48
CA LEU D 48 -1.81 33.85 13.04
C LEU D 48 -1.72 32.60 12.19
N ASN D 49 -2.16 32.73 10.93
CA ASN D 49 -1.83 31.77 9.88
C ASN D 49 -0.33 31.82 9.57
N VAL D 50 0.25 30.70 9.13
CA VAL D 50 1.68 30.67 8.77
C VAL D 50 1.98 31.53 7.52
N THR D 51 0.98 31.66 6.64
CA THR D 51 1.11 32.46 5.42
C THR D 51 1.18 33.96 5.72
N ASP D 52 0.55 34.36 6.82
CA ASP D 52 0.60 35.73 7.34
C ASP D 52 2.03 36.19 7.69
N LEU D 53 2.90 35.23 8.02
CA LEU D 53 4.29 35.50 8.36
C LEU D 53 5.13 35.96 7.16
N GLY D 54 4.60 35.75 5.96
CA GLY D 54 5.22 36.19 4.73
C GLY D 54 6.60 35.62 4.48
N LEU D 55 6.83 34.40 4.93
CA LEU D 55 8.15 33.78 4.86
C LEU D 55 8.29 32.83 3.68
N GLY D 56 7.28 32.79 2.81
CA GLY D 56 7.38 32.06 1.55
C GLY D 56 6.84 30.66 1.61
N TYR D 57 5.92 30.41 2.54
CA TYR D 57 5.34 29.10 2.74
C TYR D 57 3.89 29.05 2.30
N GLU D 58 3.56 28.02 1.53
CA GLU D 58 2.19 27.76 1.14
C GLU D 58 1.64 26.64 2.02
N THR D 59 0.77 26.99 2.94
CA THR D 59 0.21 26.04 3.92
C THR D 59 -1.07 26.55 4.57
N LYS D 60 -1.72 25.69 5.35
CA LYS D 60 -2.95 26.06 6.07
C LYS D 60 -2.78 26.05 7.58
N GLU D 61 -1.57 25.71 8.03
CA GLU D 61 -1.24 25.62 9.44
C GLU D 61 -1.13 27.01 10.10
N GLU D 62 -1.29 27.04 11.42
CA GLU D 62 -1.33 28.30 12.15
C GLU D 62 -0.31 28.30 13.27
N LEU D 63 -0.22 29.42 14.00
CA LEU D 63 0.72 29.60 15.10
C LEU D 63 0.27 30.73 16.03
N ILE D 64 0.80 30.73 17.26
CA ILE D 64 0.78 31.92 18.12
C ILE D 64 2.14 32.61 18.00
N PHE D 65 2.12 33.90 17.66
CA PHE D 65 3.34 34.68 17.49
C PHE D 65 3.42 35.79 18.55
N ARG D 66 4.55 35.91 19.22
CA ARG D 66 4.72 36.95 20.27
C ARG D 66 5.85 37.92 19.96
N TYR D 67 5.60 39.20 20.19
CA TYR D 67 6.52 40.29 19.84
C TYR D 67 6.66 41.32 20.94
N CYS D 68 7.80 42.03 20.94
CA CYS D 68 8.08 43.05 21.94
C CYS D 68 7.84 44.46 21.39
N SER D 69 7.00 45.22 22.10
CA SER D 69 6.60 46.57 21.67
C SER D 69 6.30 47.49 22.85
N GLY D 70 6.55 48.78 22.65
CA GLY D 70 6.30 49.76 23.69
C GLY D 70 7.47 50.69 23.85
N SER D 71 7.24 51.83 24.49
CA SER D 71 8.31 52.77 24.77
C SER D 71 9.18 52.25 25.90
N CYS D 72 10.48 52.32 25.69
CA CYS D 72 11.44 51.96 26.71
C CYS D 72 12.80 52.56 26.37
N ASP D 73 12.94 53.83 26.72
CA ASP D 73 14.13 54.60 26.40
C ASP D 73 14.34 55.67 27.48
N ALA D 74 14.42 55.20 28.72
CA ALA D 74 14.58 56.07 29.88
C ALA D 74 16.06 56.24 30.28
N ALA D 75 16.97 55.88 29.37
CA ALA D 75 18.42 55.97 29.58
C ALA D 75 18.89 55.25 30.85
N GLU D 76 18.69 53.94 30.87
CA GLU D 76 18.97 53.06 32.02
C GLU D 76 20.44 53.10 32.43
N THR D 77 21.32 52.69 31.52
CA THR D 77 22.75 52.53 31.80
C THR D 77 23.57 53.82 31.65
N THR D 78 24.78 53.78 32.21
CA THR D 78 25.74 54.87 32.11
C THR D 78 26.02 55.24 30.65
N TYR D 79 26.15 54.22 29.81
CA TYR D 79 26.31 54.42 28.37
C TYR D 79 25.15 55.22 27.76
N ASP D 80 23.92 54.86 28.13
CA ASP D 80 22.72 55.52 27.61
C ASP D 80 22.50 56.90 28.22
N LYS D 81 22.95 57.09 29.46
CA LYS D 81 22.93 58.43 30.08
C LYS D 81 23.89 59.34 29.31
N ILE D 82 25.06 58.81 28.97
CA ILE D 82 26.05 59.55 28.21
C ILE D 82 25.50 60.04 26.85
N LEU D 83 24.75 59.18 26.15
CA LEU D 83 24.24 59.52 24.82
C LEU D 83 23.24 60.69 24.84
N LYS D 84 22.30 60.63 25.78
CA LYS D 84 21.33 61.71 25.95
C LYS D 84 22.03 63.04 26.25
N ASN D 85 23.05 62.99 27.12
CA ASN D 85 23.83 64.18 27.49
C ASN D 85 24.73 64.69 26.36
N LEU D 86 25.30 63.76 25.60
CA LEU D 86 26.24 64.10 24.54
C LEU D 86 25.52 64.76 23.37
N SER D 87 24.22 64.52 23.28
CA SER D 87 23.36 65.10 22.24
C SER D 87 22.79 66.45 22.69
N ARG D 88 22.38 66.52 23.96
CA ARG D 88 21.82 67.75 24.53
C ARG D 88 22.83 68.90 24.49
N ASN D 89 24.09 68.61 24.83
CA ASN D 89 25.13 69.63 24.78
C ASN D 89 25.78 69.73 23.40
N ARG D 90 25.11 69.15 22.40
CA ARG D 90 25.47 69.26 20.98
C ARG D 90 26.75 68.53 20.58
N ARG D 91 27.49 68.02 21.57
CA ARG D 91 28.83 67.45 21.35
C ARG D 91 28.92 66.36 20.29
N LEU D 92 27.89 65.51 20.24
CA LEU D 92 27.89 64.37 19.31
C LEU D 92 27.84 64.76 17.84
N VAL D 93 26.88 65.61 17.49
CA VAL D 93 26.45 65.88 16.11
C VAL D 93 25.32 64.88 15.77
N SER D 94 25.44 63.67 16.31
CA SER D 94 24.37 62.67 16.34
C SER D 94 23.91 62.18 14.97
N ASP D 95 24.79 61.50 14.25
CA ASP D 95 24.47 60.98 12.91
C ASP D 95 23.33 59.96 12.91
N LYS D 96 23.58 58.77 13.46
CA LYS D 96 22.60 57.69 13.51
C LYS D 96 22.59 57.00 14.87
N VAL D 97 23.15 57.67 15.88
CA VAL D 97 23.20 57.15 17.25
C VAL D 97 21.82 57.09 17.89
N GLY D 98 21.56 55.97 18.58
CA GLY D 98 20.26 55.72 19.20
C GLY D 98 20.37 54.93 20.48
N GLN D 99 19.40 55.12 21.37
CA GLN D 99 19.43 54.50 22.68
C GLN D 99 18.80 53.09 22.70
N ALA D 100 18.47 52.60 23.90
CA ALA D 100 17.98 51.24 24.10
C ALA D 100 16.68 50.98 23.36
N CYS D 101 16.54 49.75 22.87
CA CYS D 101 15.35 49.30 22.15
C CYS D 101 14.65 48.16 22.88
N CYS D 102 13.33 48.14 22.77
CA CYS D 102 12.53 47.03 23.26
C CYS D 102 12.64 45.83 22.31
N ARG D 103 13.59 44.95 22.59
CA ARG D 103 13.88 43.78 21.77
C ARG D 103 13.63 42.50 22.56
N PRO D 104 13.54 41.34 21.88
CA PRO D 104 13.39 40.07 22.58
C PRO D 104 14.70 39.65 23.24
N ILE D 105 14.60 39.13 24.45
CA ILE D 105 15.76 38.62 25.17
C ILE D 105 15.78 37.09 25.18
N ALA D 106 14.59 36.48 25.14
CA ALA D 106 14.46 35.03 25.04
C ALA D 106 13.47 34.65 23.95
N PHE D 107 13.66 33.48 23.34
CA PHE D 107 12.80 33.00 22.25
C PHE D 107 12.03 31.74 22.63
N ASP D 108 10.84 31.60 22.03
CA ASP D 108 9.97 30.45 22.29
C ASP D 108 10.46 29.17 21.62
N ASP D 109 9.73 28.08 21.87
CA ASP D 109 9.96 26.78 21.26
C ASP D 109 9.89 26.84 19.74
N ASP D 110 10.51 25.85 19.10
CA ASP D 110 10.46 25.69 17.66
C ASP D 110 9.05 25.36 17.20
N LEU D 111 8.65 25.93 16.07
CA LEU D 111 7.35 25.63 15.51
C LEU D 111 7.46 24.91 14.18
N SER D 112 6.76 23.78 14.09
CA SER D 112 6.73 22.98 12.87
C SER D 112 5.42 23.07 12.12
N PHE D 113 5.46 22.73 10.84
CA PHE D 113 4.28 22.63 10.00
C PHE D 113 4.55 21.83 8.72
N LEU D 114 3.49 21.22 8.20
CA LEU D 114 3.52 20.51 6.93
C LEU D 114 2.82 21.38 5.90
N ASP D 115 3.49 21.64 4.78
CA ASP D 115 2.92 22.51 3.75
C ASP D 115 2.00 21.74 2.79
N ASP D 116 1.33 22.48 1.90
CA ASP D 116 0.44 21.89 0.90
C ASP D 116 1.12 20.87 -0.03
N ASN D 117 2.45 20.90 -0.06
CA ASN D 117 3.25 20.01 -0.91
C ASN D 117 3.86 18.84 -0.12
N LEU D 118 3.33 18.60 1.08
CA LEU D 118 3.77 17.51 1.96
C LEU D 118 5.25 17.57 2.33
N VAL D 119 5.75 18.79 2.52
CA VAL D 119 7.11 19.03 2.99
C VAL D 119 7.03 19.68 4.37
N TYR D 120 7.84 19.20 5.31
CA TYR D 120 7.90 19.78 6.65
C TYR D 120 8.84 20.96 6.72
N HIS D 121 8.58 21.85 7.67
CA HIS D 121 9.47 22.98 7.97
C HIS D 121 9.44 23.30 9.46
N ILE D 122 10.56 23.85 9.95
CA ILE D 122 10.63 24.32 11.32
C ILE D 122 11.08 25.79 11.35
N LEU D 123 10.37 26.58 12.14
CA LEU D 123 10.71 27.96 12.42
C LEU D 123 11.48 28.00 13.75
N ARG D 124 12.66 28.61 13.74
CA ARG D 124 13.41 28.79 14.97
C ARG D 124 13.62 30.27 15.27
N LYS D 125 13.69 30.61 16.56
CA LYS D 125 13.92 32.00 16.99
C LYS D 125 12.98 32.96 16.24
N HIS D 126 11.68 32.65 16.31
CA HIS D 126 10.68 33.36 15.52
C HIS D 126 9.69 34.18 16.36
N SER D 127 9.48 33.76 17.61
CA SER D 127 8.55 34.41 18.53
C SER D 127 9.26 34.68 19.86
N ALA D 128 8.95 35.83 20.46
CA ALA D 128 9.59 36.24 21.72
C ALA D 128 8.99 35.54 22.96
N LYS D 129 9.86 35.17 23.90
CA LYS D 129 9.42 34.68 25.20
C LYS D 129 9.49 35.78 26.27
N ARG D 130 10.63 36.47 26.33
CA ARG D 130 10.80 37.60 27.26
C ARG D 130 11.26 38.87 26.54
N CYS D 131 10.93 40.02 27.12
CA CYS D 131 11.29 41.32 26.53
C CYS D 131 12.12 42.17 27.48
N GLY D 132 13.10 42.88 26.91
CA GLY D 132 13.96 43.80 27.67
C GLY D 132 14.54 44.90 26.78
N CYS D 133 15.08 45.93 27.40
CA CYS D 133 15.68 47.05 26.67
C CYS D 133 17.18 46.87 26.58
N ILE D 134 17.66 46.63 25.38
CA ILE D 134 19.05 46.25 25.16
C ILE D 134 19.72 47.13 24.10
C1 NAG E . -6.44 32.55 8.67
C2 NAG E . -7.07 33.56 9.64
C3 NAG E . -8.59 33.73 9.47
C4 NAG E . -9.02 33.78 7.99
C5 NAG E . -8.39 32.61 7.24
C6 NAG E . -8.73 32.61 5.75
C7 NAG E . -5.80 33.60 11.73
C8 NAG E . -5.68 33.01 13.11
N2 NAG E . -6.79 33.14 10.99
O3 NAG E . -9.03 34.89 10.14
O4 NAG E . -10.45 33.76 7.91
O5 NAG E . -6.97 32.65 7.35
O6 NAG E . -8.00 33.61 5.08
O7 NAG E . -4.99 34.46 11.37
C1 NAG E . -10.99 34.94 7.24
C2 NAG E . -12.46 34.68 6.84
C3 NAG E . -13.53 35.64 7.42
C4 NAG E . -13.00 36.92 8.06
C5 NAG E . -11.59 37.22 7.56
C6 NAG E . -11.03 38.55 8.08
C7 NAG E . -13.58 34.07 4.70
C8 NAG E . -13.52 34.18 3.20
N2 NAG E . -12.59 34.66 5.39
O3 NAG E . -14.35 34.94 8.34
O4 NAG E . -13.88 37.99 7.76
O5 NAG E . -10.77 36.14 7.98
O6 NAG E . -10.94 38.57 9.48
O7 NAG E . -14.52 33.46 5.22
C1 EDO F . -19.29 -9.94 -2.46
O1 EDO F . -19.52 -8.60 -2.93
C2 EDO F . -19.87 -10.13 -1.06
O2 EDO F . -19.22 -9.30 -0.09
C1 NAG G . 3.03 -34.90 -7.57
C2 NAG G . 2.85 -36.43 -7.56
C3 NAG G . 2.55 -37.04 -6.20
C4 NAG G . 3.28 -36.31 -5.07
C5 NAG G . 2.82 -34.86 -5.09
C6 NAG G . 3.42 -34.07 -3.94
C7 NAG G . 1.83 -37.12 -9.74
C8 NAG G . 3.16 -37.12 -10.43
N2 NAG G . 1.75 -36.80 -8.44
O3 NAG G . 2.94 -38.40 -6.22
O4 NAG G . 2.98 -36.90 -3.82
O5 NAG G . 3.22 -34.24 -6.31
O6 NAG G . 2.59 -34.19 -2.81
O7 NAG G . 0.83 -37.43 -10.37
C1 EDO H . -0.65 -27.86 -26.93
O1 EDO H . -0.13 -28.68 -25.89
C2 EDO H . -1.05 -28.73 -28.13
O2 EDO H . 0.12 -29.05 -28.90
C1 EDO I . 1.15 -29.86 -21.66
O1 EDO I . 0.59 -29.45 -20.41
C2 EDO I . 2.43 -29.08 -21.93
O2 EDO I . 3.23 -29.04 -20.76
S SO4 J . -3.39 11.29 28.97
O1 SO4 J . -1.93 11.10 28.91
O2 SO4 J . -3.94 11.17 27.62
O3 SO4 J . -3.98 10.27 29.83
O4 SO4 J . -3.68 12.62 29.50
#